data_5L11
#
_entry.id   5L11
#
_cell.length_a   46.418
_cell.length_b   46.418
_cell.length_c   220.259
_cell.angle_alpha   90.000
_cell.angle_beta   90.000
_cell.angle_gamma   90.000
#
_symmetry.space_group_name_H-M   'P 43 21 2'
#
loop_
_entity.id
_entity.type
_entity.pdbx_description
1 polymer 'Nuclear receptor subfamily 5 group A member 2'
2 polymer Tif2
3 non-polymer (1R,3aR,6aR)-5-hexyl-4-phenyl-3a-(1-phenylethenyl)-1,2,3,3a,6,6a-hexahydropentalen-1-ol
4 water water
#
loop_
_entity_poly.entity_id
_entity_poly.type
_entity_poly.pdbx_seq_one_letter_code
_entity_poly.pdbx_strand_id
1 'polypeptide(L)'
;SNASIPHLILELLKCEPDEPQVQAKIMAYLQQEQANRSKHEKLSTFGLMCKMADQTLFSIVEWARSSIFFRELKVDDQMK
LLQNCWSELLILDHIYRQVVHGKEGSIFLVTGQQVDYSIIASQAGATLNNLMSHAQELVAKLRSLQFDQREFVCLKFLVL
FSLDVKNLENFQLVEGVQEQVNAALLDYTMCNYPQQTEKFGQLLLRLPEIRAISMQAEEYLYYKHLNGDVPYNNLLIEML
HAKRA
;
A
2 'polypeptide(L)' KENALLRYLLDKDD C
#
loop_
_chem_comp.id
_chem_comp.type
_chem_comp.name
_chem_comp.formula
RJW non-polymer (1R,3aR,6aR)-5-hexyl-4-phenyl-3a-(1-phenylethenyl)-1,2,3,3a,6,6a-hexahydropentalen-1-ol 'C28 H34 O'
#
# COMPACT_ATOMS: atom_id res chain seq x y z
N SER A 4 -10.95 -23.57 5.87
CA SER A 4 -10.41 -23.88 4.55
C SER A 4 -10.09 -22.60 3.80
N ILE A 5 -9.13 -22.69 2.86
CA ILE A 5 -8.65 -21.53 2.11
C ILE A 5 -8.74 -21.84 0.62
N PRO A 6 -9.43 -21.03 -0.17
CA PRO A 6 -9.41 -21.24 -1.63
C PRO A 6 -7.98 -21.28 -2.16
N HIS A 7 -7.74 -22.19 -3.11
N HIS A 7 -7.74 -22.19 -3.10
CA HIS A 7 -6.40 -22.33 -3.65
CA HIS A 7 -6.41 -22.34 -3.68
C HIS A 7 -5.89 -21.01 -4.23
C HIS A 7 -5.90 -21.01 -4.21
N LEU A 8 -6.77 -20.22 -4.83
CA LEU A 8 -6.35 -18.94 -5.39
C LEU A 8 -5.74 -18.05 -4.30
N ILE A 9 -6.36 -18.01 -3.12
CA ILE A 9 -5.83 -17.18 -2.04
C ILE A 9 -4.48 -17.71 -1.58
N LEU A 10 -4.29 -19.04 -1.59
CA LEU A 10 -2.98 -19.59 -1.28
C LEU A 10 -1.93 -19.13 -2.27
N GLU A 11 -2.29 -19.03 -3.55
CA GLU A 11 -1.35 -18.54 -4.56
C GLU A 11 -1.01 -17.07 -4.31
N LEU A 12 -2.00 -16.27 -3.87
CA LEU A 12 -1.71 -14.89 -3.53
C LEU A 12 -0.79 -14.79 -2.32
N LEU A 13 -1.03 -15.64 -1.31
CA LEU A 13 -0.20 -15.61 -0.11
C LEU A 13 1.25 -15.96 -0.44
N LYS A 14 1.46 -16.88 -1.37
CA LYS A 14 2.82 -17.26 -1.74
C LYS A 14 3.59 -16.11 -2.37
N CYS A 15 2.89 -15.09 -2.87
CA CYS A 15 3.54 -13.95 -3.50
C CYS A 15 3.89 -12.84 -2.53
N GLU A 16 3.57 -13.01 -1.25
CA GLU A 16 3.83 -11.94 -0.29
C GLU A 16 5.33 -11.81 -0.05
N PRO A 17 5.85 -10.60 0.13
CA PRO A 17 7.29 -10.43 0.36
C PRO A 17 7.68 -10.90 1.75
N ASP A 18 8.99 -11.03 1.94
CA ASP A 18 9.58 -11.34 3.25
C ASP A 18 9.58 -10.03 4.05
N GLU A 19 8.58 -9.87 4.91
CA GLU A 19 8.37 -8.56 5.54
C GLU A 19 9.52 -8.13 6.42
N PRO A 20 10.12 -8.97 7.27
CA PRO A 20 11.30 -8.52 8.02
C PRO A 20 12.38 -7.99 7.12
N GLN A 21 12.62 -8.65 5.98
CA GLN A 21 13.70 -8.21 5.08
C GLN A 21 13.36 -6.88 4.43
N VAL A 22 12.10 -6.70 4.01
CA VAL A 22 11.67 -5.44 3.41
C VAL A 22 11.85 -4.30 4.41
N GLN A 23 11.36 -4.50 5.63
CA GLN A 23 11.45 -3.45 6.66
C GLN A 23 12.89 -3.19 7.07
N ALA A 24 13.69 -4.25 7.24
CA ALA A 24 15.10 -4.06 7.61
C ALA A 24 15.84 -3.25 6.55
N LYS A 25 15.58 -3.54 5.27
CA LYS A 25 16.25 -2.82 4.19
C LYS A 25 15.90 -1.35 4.22
N ILE A 26 14.62 -1.04 4.45
CA ILE A 26 14.20 0.37 4.48
C ILE A 26 14.76 1.05 5.71
N MET A 27 14.71 0.39 6.87
CA MET A 27 15.33 0.95 8.07
C MET A 27 16.79 1.32 7.83
N ALA A 28 17.53 0.41 7.20
CA ALA A 28 18.96 0.64 6.99
C ALA A 28 19.20 1.79 6.02
N TYR A 29 18.45 1.84 4.91
CA TYR A 29 18.57 2.94 3.96
C TYR A 29 18.43 4.28 4.66
N LEU A 30 17.38 4.44 5.47
CA LEU A 30 17.13 5.72 6.11
C LEU A 30 18.18 6.05 7.15
N GLN A 31 18.79 5.02 7.77
CA GLN A 31 19.84 5.26 8.76
C GLN A 31 21.08 5.85 8.10
N GLN A 32 21.52 5.28 6.99
CA GLN A 32 22.68 5.83 6.28
C GLN A 32 22.37 7.22 5.75
N GLU A 33 21.15 7.42 5.23
CA GLU A 33 20.75 8.73 4.73
C GLU A 33 21.06 9.83 5.74
N GLN A 34 20.46 9.72 6.94
CA GLN A 34 20.69 10.73 7.97
C GLN A 34 22.15 10.79 8.38
N ALA A 35 22.87 9.66 8.29
CA ALA A 35 24.25 9.63 8.74
C ALA A 35 25.16 10.42 7.80
N ASN A 36 24.93 10.32 6.49
CA ASN A 36 25.72 11.10 5.55
C ASN A 36 25.49 12.60 5.73
N ARG A 37 24.34 12.99 6.26
CA ARG A 37 23.98 14.40 6.33
C ARG A 37 24.67 15.08 7.51
N SER A 38 25.25 16.24 7.24
CA SER A 38 26.00 16.99 8.24
C SER A 38 25.05 17.67 9.23
N LYS A 39 25.65 18.28 10.26
CA LYS A 39 24.87 18.86 11.35
C LYS A 39 23.78 19.79 10.85
N HIS A 40 24.09 20.63 9.86
CA HIS A 40 23.20 21.70 9.44
C HIS A 40 22.34 21.32 8.23
N GLU A 41 22.23 20.02 7.92
CA GLU A 41 21.46 19.61 6.75
C GLU A 41 20.65 18.35 7.02
N LYS A 42 20.16 18.19 8.24
CA LYS A 42 19.35 17.02 8.57
C LYS A 42 17.98 17.12 7.91
N LEU A 43 17.35 15.97 7.70
CA LEU A 43 16.08 15.89 6.99
C LEU A 43 14.93 16.24 7.91
N SER A 44 14.06 17.14 7.46
CA SER A 44 12.81 17.39 8.17
C SER A 44 12.02 16.10 8.27
N THR A 45 11.11 16.06 9.27
CA THR A 45 10.30 14.86 9.46
C THR A 45 9.48 14.55 8.21
N PHE A 46 8.89 15.58 7.60
CA PHE A 46 8.19 15.37 6.34
C PHE A 46 9.13 14.79 5.29
N GLY A 47 10.38 15.24 5.29
CA GLY A 47 11.35 14.74 4.33
C GLY A 47 11.65 13.27 4.51
N LEU A 48 11.87 12.85 5.75
CA LEU A 48 12.11 11.43 6.01
C LEU A 48 10.91 10.59 5.59
N MET A 49 9.69 11.06 5.84
CA MET A 49 8.52 10.30 5.43
C MET A 49 8.49 10.15 3.91
N CYS A 50 8.89 11.19 3.17
CA CYS A 50 8.93 11.10 1.71
C CYS A 50 9.92 10.03 1.26
N LYS A 51 11.11 10.01 1.86
CA LYS A 51 12.09 8.98 1.49
C LYS A 51 11.64 7.61 1.93
N MET A 52 11.02 7.52 3.10
CA MET A 52 10.49 6.24 3.56
C MET A 52 9.41 5.72 2.61
N ALA A 53 8.51 6.60 2.19
CA ALA A 53 7.50 6.21 1.21
C ALA A 53 8.14 5.86 -0.12
N ASP A 54 9.15 6.63 -0.54
CA ASP A 54 9.89 6.32 -1.76
C ASP A 54 10.43 4.89 -1.73
N GLN A 55 11.09 4.52 -0.63
CA GLN A 55 11.68 3.21 -0.55
C GLN A 55 10.63 2.12 -0.44
N THR A 56 9.49 2.42 0.20
CA THR A 56 8.39 1.45 0.22
C THR A 56 7.90 1.18 -1.19
N LEU A 57 7.85 2.22 -2.04
CA LEU A 57 7.37 2.02 -3.41
C LEU A 57 8.27 1.09 -4.20
N PHE A 58 9.60 1.15 -3.99
CA PHE A 58 10.49 0.19 -4.62
C PHE A 58 10.09 -1.24 -4.26
N SER A 59 9.77 -1.48 -2.99
CA SER A 59 9.41 -2.84 -2.57
C SER A 59 8.05 -3.24 -3.10
N ILE A 60 7.13 -2.27 -3.27
CA ILE A 60 5.82 -2.55 -3.85
C ILE A 60 5.97 -2.96 -5.30
N VAL A 61 6.78 -2.23 -6.07
CA VAL A 61 7.03 -2.58 -7.47
C VAL A 61 7.64 -3.98 -7.56
N GLU A 62 8.62 -4.28 -6.70
CA GLU A 62 9.23 -5.60 -6.73
C GLU A 62 8.21 -6.69 -6.41
N TRP A 63 7.33 -6.44 -5.44
CA TRP A 63 6.28 -7.39 -5.13
C TRP A 63 5.38 -7.64 -6.32
N ALA A 64 4.86 -6.57 -6.91
CA ALA A 64 3.97 -6.73 -8.06
C ALA A 64 4.66 -7.50 -9.18
N ARG A 65 5.89 -7.13 -9.49
CA ARG A 65 6.61 -7.69 -10.62
C ARG A 65 6.64 -9.22 -10.56
N SER A 66 6.78 -9.77 -9.37
CA SER A 66 6.92 -11.21 -9.20
C SER A 66 5.61 -11.92 -8.90
N SER A 67 4.50 -11.18 -8.84
CA SER A 67 3.24 -11.75 -8.40
C SER A 67 2.56 -12.52 -9.53
N ILE A 68 1.84 -13.56 -9.12
CA ILE A 68 0.98 -14.30 -10.05
C ILE A 68 0.08 -13.32 -10.80
N PHE A 69 -0.21 -13.64 -12.06
CA PHE A 69 -1.07 -12.85 -12.94
C PHE A 69 -0.36 -11.58 -13.43
N PHE A 70 0.12 -10.76 -12.50
CA PHE A 70 0.79 -9.52 -12.88
C PHE A 70 2.00 -9.80 -13.77
N ARG A 71 2.79 -10.81 -13.43
CA ARG A 71 3.98 -11.15 -14.20
C ARG A 71 3.66 -11.62 -15.61
N GLU A 72 2.38 -11.89 -15.92
CA GLU A 72 1.99 -12.28 -17.28
C GLU A 72 1.62 -11.09 -18.15
N LEU A 73 1.45 -9.90 -17.57
CA LEU A 73 1.16 -8.71 -18.33
C LEU A 73 2.42 -8.19 -19.00
N LYS A 74 2.24 -7.62 -20.19
CA LYS A 74 3.34 -6.90 -20.82
C LYS A 74 3.69 -5.67 -19.99
N VAL A 75 4.94 -5.22 -20.12
CA VAL A 75 5.45 -4.19 -19.22
C VAL A 75 4.59 -2.94 -19.30
N ASP A 76 4.09 -2.61 -20.49
CA ASP A 76 3.27 -1.40 -20.62
C ASP A 76 1.98 -1.52 -19.82
N ASP A 77 1.36 -2.72 -19.80
CA ASP A 77 0.20 -2.93 -18.96
C ASP A 77 0.57 -2.88 -17.48
N GLN A 78 1.71 -3.49 -17.12
CA GLN A 78 2.17 -3.42 -15.74
C GLN A 78 2.34 -1.99 -15.27
N MET A 79 2.91 -1.13 -16.12
CA MET A 79 3.13 0.26 -15.73
C MET A 79 1.81 0.98 -15.50
N LYS A 80 0.82 0.75 -16.37
CA LYS A 80 -0.46 1.43 -16.22
C LYS A 80 -1.16 1.05 -14.93
N LEU A 81 -1.12 -0.24 -14.57
CA LEU A 81 -1.74 -0.67 -13.32
C LEU A 81 -1.06 -0.03 -12.11
N LEU A 82 0.28 -0.05 -12.08
CA LEU A 82 0.98 0.48 -10.91
C LEU A 82 0.82 2.00 -10.83
N GLN A 83 0.78 2.68 -11.98
CA GLN A 83 0.57 4.12 -11.96
C GLN A 83 -0.82 4.47 -11.43
N ASN A 84 -1.78 3.56 -11.57
CA ASN A 84 -3.15 3.85 -11.12
C ASN A 84 -3.33 3.59 -9.62
N CYS A 85 -2.54 2.68 -9.03
CA CYS A 85 -2.80 2.23 -7.67
C CYS A 85 -1.64 2.39 -6.69
N TRP A 86 -0.52 3.00 -7.08
CA TRP A 86 0.65 3.00 -6.22
C TRP A 86 0.36 3.63 -4.86
N SER A 87 -0.35 4.76 -4.85
CA SER A 87 -0.65 5.42 -3.58
C SER A 87 -1.66 4.62 -2.77
N GLU A 88 -2.59 3.94 -3.44
CA GLU A 88 -3.54 3.09 -2.74
C GLU A 88 -2.84 1.91 -2.06
N LEU A 89 -1.85 1.32 -2.72
CA LEU A 89 -1.11 0.23 -2.09
C LEU A 89 -0.29 0.72 -0.92
N LEU A 90 0.29 1.92 -1.05
CA LEU A 90 1.01 2.53 0.08
C LEU A 90 0.11 2.65 1.29
N ILE A 91 -1.09 3.22 1.11
CA ILE A 91 -1.97 3.46 2.22
C ILE A 91 -2.53 2.17 2.78
N LEU A 92 -2.88 1.22 1.90
CA LEU A 92 -3.36 -0.07 2.38
C LEU A 92 -2.31 -0.75 3.25
N ASP A 93 -1.06 -0.74 2.80
CA ASP A 93 0.03 -1.29 3.59
C ASP A 93 0.13 -0.58 4.94
N HIS A 94 0.05 0.75 4.93
CA HIS A 94 0.06 1.51 6.18
C HIS A 94 -1.07 1.08 7.10
N ILE A 95 -2.28 1.00 6.56
CA ILE A 95 -3.45 0.65 7.36
C ILE A 95 -3.27 -0.73 7.97
N TYR A 96 -2.88 -1.71 7.15
CA TYR A 96 -2.75 -3.06 7.67
C TYR A 96 -1.66 -3.13 8.74
N ARG A 97 -0.58 -2.35 8.58
CA ARG A 97 0.45 -2.33 9.61
C ARG A 97 -0.10 -1.87 10.95
N GLN A 98 -1.00 -0.88 10.95
CA GLN A 98 -1.61 -0.45 12.21
C GLN A 98 -2.57 -1.52 12.74
N VAL A 99 -3.26 -2.21 11.84
CA VAL A 99 -4.18 -3.27 12.28
C VAL A 99 -3.41 -4.33 13.05
N VAL A 100 -2.27 -4.75 12.50
CA VAL A 100 -1.50 -5.85 13.09
C VAL A 100 -0.73 -5.38 14.31
N HIS A 101 0.12 -4.36 14.13
CA HIS A 101 1.06 -3.93 15.16
C HIS A 101 0.62 -2.67 15.88
N GLY A 102 -0.51 -2.09 15.50
CA GLY A 102 -0.88 -0.78 16.02
C GLY A 102 -1.41 -0.77 17.43
N LYS A 103 -0.76 0.02 18.27
CA LYS A 103 -1.35 0.46 19.53
C LYS A 103 -1.99 1.83 19.31
N GLU A 104 -2.94 2.16 20.17
CA GLU A 104 -3.61 3.45 20.07
C GLU A 104 -2.71 4.53 20.66
N GLY A 105 -2.74 5.72 20.06
CA GLY A 105 -1.86 6.79 20.45
C GLY A 105 -0.48 6.74 19.80
N SER A 106 -0.22 5.76 18.95
CA SER A 106 1.06 5.68 18.26
C SER A 106 0.84 5.19 16.83
N ILE A 107 1.86 5.40 16.00
CA ILE A 107 1.86 5.00 14.61
C ILE A 107 3.06 4.10 14.39
N PHE A 108 2.86 2.97 13.71
CA PHE A 108 3.94 2.05 13.41
C PHE A 108 4.38 2.22 11.95
N LEU A 109 5.68 2.39 11.76
CA LEU A 109 6.25 2.67 10.45
C LEU A 109 6.89 1.42 9.85
N VAL A 110 7.07 1.46 8.53
CA VAL A 110 7.64 0.33 7.81
C VAL A 110 9.07 0.03 8.25
N THR A 111 9.72 0.97 8.94
CA THR A 111 11.05 0.77 9.48
C THR A 111 11.07 -0.05 10.77
N GLY A 112 9.91 -0.43 11.29
CA GLY A 112 9.84 -1.04 12.60
C GLY A 112 9.78 -0.05 13.73
N GLN A 113 9.78 1.25 13.44
CA GLN A 113 9.71 2.26 14.48
C GLN A 113 8.27 2.51 14.90
N GLN A 114 8.08 2.65 16.20
CA GLN A 114 6.82 3.07 16.79
C GLN A 114 6.96 4.52 17.21
N VAL A 115 6.04 5.37 16.76
CA VAL A 115 6.10 6.80 17.02
C VAL A 115 4.79 7.26 17.65
N ASP A 116 4.91 8.09 18.68
CA ASP A 116 3.75 8.63 19.35
C ASP A 116 2.95 9.53 18.41
N TYR A 117 1.62 9.39 18.44
CA TYR A 117 0.80 10.17 17.53
C TYR A 117 0.92 11.66 17.82
N SER A 118 1.00 12.05 19.09
CA SER A 118 1.11 13.47 19.43
C SER A 118 2.35 14.10 18.81
N ILE A 119 3.45 13.33 18.72
CA ILE A 119 4.65 13.84 18.06
C ILE A 119 4.40 14.05 16.57
N ILE A 120 3.84 13.04 15.90
CA ILE A 120 3.62 13.13 14.46
C ILE A 120 2.59 14.22 14.14
N ALA A 121 1.50 14.25 14.90
CA ALA A 121 0.43 15.21 14.61
C ALA A 121 0.91 16.66 14.78
N SER A 122 1.93 16.87 15.60
CA SER A 122 2.47 18.21 15.78
C SER A 122 3.10 18.73 14.50
N GLN A 123 3.65 17.84 13.67
CA GLN A 123 4.47 18.22 12.52
C GLN A 123 3.79 17.98 11.18
N ALA A 124 2.73 17.18 11.14
CA ALA A 124 2.19 16.70 9.86
C ALA A 124 1.34 17.73 9.15
N GLY A 125 0.77 18.70 9.86
CA GLY A 125 -0.08 19.70 9.27
C GLY A 125 -1.51 19.21 9.10
N ALA A 126 -2.41 20.18 8.92
CA ALA A 126 -3.85 19.90 8.97
C ALA A 126 -4.25 18.84 7.96
N THR A 127 -3.79 18.96 6.72
CA THR A 127 -4.26 18.06 5.68
C THR A 127 -3.85 16.62 5.98
N LEU A 128 -2.57 16.40 6.26
CA LEU A 128 -2.11 15.04 6.54
C LEU A 128 -2.70 14.52 7.84
N ASN A 129 -2.88 15.38 8.83
CA ASN A 129 -3.57 14.93 10.05
C ASN A 129 -4.97 14.45 9.72
N ASN A 130 -5.68 15.17 8.85
CA ASN A 130 -7.01 14.76 8.45
C ASN A 130 -6.97 13.38 7.78
N LEU A 131 -6.04 13.19 6.84
CA LEU A 131 -5.99 11.95 6.10
C LEU A 131 -5.52 10.79 6.99
N MET A 132 -4.54 11.04 7.85
CA MET A 132 -4.15 10.02 8.82
C MET A 132 -5.31 9.66 9.74
N SER A 133 -6.12 10.65 10.13
CA SER A 133 -7.25 10.37 11.01
C SER A 133 -8.28 9.49 10.32
N HIS A 134 -8.62 9.81 9.06
CA HIS A 134 -9.51 8.94 8.30
C HIS A 134 -8.93 7.54 8.20
N ALA A 135 -7.63 7.42 7.93
CA ALA A 135 -7.00 6.11 7.86
C ALA A 135 -7.13 5.36 9.18
N GLN A 136 -6.96 6.06 10.30
CA GLN A 136 -7.13 5.44 11.62
C GLN A 136 -8.55 4.94 11.82
N GLU A 137 -9.54 5.69 11.30
CA GLU A 137 -10.91 5.22 11.40
C GLU A 137 -11.08 3.89 10.66
N LEU A 138 -10.43 3.74 9.50
CA LEU A 138 -10.45 2.47 8.80
C LEU A 138 -9.74 1.39 9.59
N VAL A 139 -8.59 1.72 10.20
CA VAL A 139 -7.89 0.78 11.06
C VAL A 139 -8.82 0.25 12.14
N ALA A 140 -9.47 1.15 12.87
CA ALA A 140 -10.37 0.74 13.94
C ALA A 140 -11.48 -0.17 13.41
N LYS A 141 -12.07 0.19 12.27
CA LYS A 141 -13.14 -0.62 11.71
C LYS A 141 -12.63 -2.00 11.29
N LEU A 142 -11.49 -2.03 10.60
CA LEU A 142 -10.93 -3.31 10.17
C LEU A 142 -10.53 -4.16 11.38
N ARG A 143 -10.04 -3.52 12.45
CA ARG A 143 -9.69 -4.27 13.65
C ARG A 143 -10.93 -4.91 14.26
N SER A 144 -12.04 -4.18 14.32
CA SER A 144 -13.27 -4.71 14.89
C SER A 144 -13.86 -5.84 14.05
N LEU A 145 -13.51 -5.90 12.77
CA LEU A 145 -13.97 -6.96 11.89
C LEU A 145 -13.03 -8.16 11.85
N GLN A 146 -11.92 -8.12 12.58
CA GLN A 146 -10.94 -9.21 12.57
C GLN A 146 -10.32 -9.40 11.18
N PHE A 147 -10.00 -8.28 10.54
CA PHE A 147 -9.30 -8.26 9.27
C PHE A 147 -8.01 -9.08 9.37
N ASP A 148 -7.88 -10.12 8.53
CA ASP A 148 -6.73 -11.02 8.63
C ASP A 148 -5.91 -10.98 7.34
N GLN A 149 -4.82 -11.75 7.34
CA GLN A 149 -3.85 -11.66 6.25
C GLN A 149 -4.40 -12.20 4.94
N ARG A 150 -5.28 -13.20 4.99
CA ARG A 150 -5.87 -13.70 3.76
C ARG A 150 -6.72 -12.62 3.10
N GLU A 151 -7.51 -11.91 3.90
CA GLU A 151 -8.33 -10.83 3.36
C GLU A 151 -7.45 -9.68 2.87
N PHE A 152 -6.37 -9.40 3.60
CA PHE A 152 -5.45 -8.34 3.21
C PHE A 152 -4.89 -8.56 1.80
N VAL A 153 -4.39 -9.78 1.52
CA VAL A 153 -3.80 -10.01 0.20
CA VAL A 153 -3.80 -10.02 0.21
C VAL A 153 -4.86 -9.98 -0.88
N CYS A 154 -6.10 -10.40 -0.57
CA CYS A 154 -7.18 -10.24 -1.53
C CYS A 154 -7.37 -8.77 -1.88
N LEU A 155 -7.47 -7.90 -0.87
CA LEU A 155 -7.65 -6.47 -1.14
C LEU A 155 -6.46 -5.89 -1.90
N LYS A 156 -5.24 -6.37 -1.60
CA LYS A 156 -4.07 -5.92 -2.37
C LYS A 156 -4.26 -6.20 -3.86
N PHE A 157 -4.71 -7.41 -4.19
CA PHE A 157 -4.87 -7.74 -5.60
C PHE A 157 -6.08 -7.04 -6.21
N LEU A 158 -7.13 -6.78 -5.42
CA LEU A 158 -8.26 -6.01 -5.92
C LEU A 158 -7.89 -4.56 -6.19
N VAL A 159 -6.97 -4.00 -5.39
CA VAL A 159 -6.47 -2.65 -5.65
C VAL A 159 -5.58 -2.64 -6.88
N LEU A 160 -4.69 -3.62 -6.99
CA LEU A 160 -3.74 -3.67 -8.10
C LEU A 160 -4.46 -3.86 -9.42
N PHE A 161 -5.40 -4.81 -9.46
CA PHE A 161 -6.09 -5.15 -10.71
C PHE A 161 -7.42 -4.38 -10.80
N SER A 162 -7.29 -3.07 -10.95
CA SER A 162 -8.44 -2.18 -10.91
C SER A 162 -9.12 -2.07 -12.27
N LEU A 163 -10.45 -2.03 -12.26
CA LEU A 163 -11.22 -1.82 -13.47
C LEU A 163 -11.19 -0.37 -13.94
N ASP A 164 -10.65 0.55 -13.14
CA ASP A 164 -10.55 1.95 -13.53
C ASP A 164 -9.45 2.20 -14.54
N VAL A 165 -8.57 1.23 -14.77
CA VAL A 165 -7.43 1.40 -15.67
C VAL A 165 -7.88 1.08 -17.09
N LYS A 166 -7.77 2.05 -17.98
CA LYS A 166 -8.13 1.82 -19.37
C LYS A 166 -6.90 1.90 -20.25
N ASN A 167 -7.10 1.67 -21.54
CA ASN A 167 -6.02 1.58 -22.52
C ASN A 167 -5.10 0.39 -22.26
N LEU A 168 -5.58 -0.62 -21.54
CA LEU A 168 -4.82 -1.83 -21.31
C LEU A 168 -4.91 -2.75 -22.52
N GLU A 169 -3.81 -3.42 -22.84
CA GLU A 169 -3.85 -4.43 -23.90
C GLU A 169 -4.62 -5.65 -23.46
N ASN A 170 -4.44 -6.07 -22.20
CA ASN A 170 -5.09 -7.27 -21.70
C ASN A 170 -6.07 -6.94 -20.59
N PHE A 171 -7.07 -6.11 -20.89
CA PHE A 171 -8.08 -5.79 -19.90
C PHE A 171 -8.82 -7.05 -19.43
N GLN A 172 -8.97 -8.04 -20.30
CA GLN A 172 -9.65 -9.27 -19.91
C GLN A 172 -8.99 -9.93 -18.71
N LEU A 173 -7.65 -9.95 -18.68
CA LEU A 173 -6.96 -10.53 -17.52
C LEU A 173 -7.28 -9.76 -16.25
N VAL A 174 -7.23 -8.42 -16.32
CA VAL A 174 -7.51 -7.60 -15.14
C VAL A 174 -8.94 -7.84 -14.67
N GLU A 175 -9.89 -7.86 -15.61
CA GLU A 175 -11.28 -8.15 -15.26
C GLU A 175 -11.41 -9.53 -14.65
N GLY A 176 -10.68 -10.52 -15.19
CA GLY A 176 -10.76 -11.87 -14.65
C GLY A 176 -10.20 -11.98 -13.24
N VAL A 177 -9.05 -11.37 -12.98
CA VAL A 177 -8.48 -11.39 -11.64
C VAL A 177 -9.39 -10.70 -10.65
N GLN A 178 -9.94 -9.53 -11.04
CA GLN A 178 -10.87 -8.83 -10.16
C GLN A 178 -12.02 -9.75 -9.77
N GLU A 179 -12.58 -10.48 -10.75
CA GLU A 179 -13.75 -11.31 -10.51
C GLU A 179 -13.41 -12.54 -9.67
N GLN A 180 -12.29 -13.20 -9.97
CA GLN A 180 -11.96 -14.43 -9.24
C GLN A 180 -11.49 -14.12 -7.83
N VAL A 181 -10.76 -13.02 -7.63
CA VAL A 181 -10.35 -12.65 -6.28
C VAL A 181 -11.58 -12.25 -5.46
N ASN A 182 -12.49 -11.48 -6.06
CA ASN A 182 -13.73 -11.15 -5.39
C ASN A 182 -14.46 -12.41 -4.94
N ALA A 183 -14.59 -13.38 -5.85
CA ALA A 183 -15.29 -14.62 -5.54
C ALA A 183 -14.57 -15.44 -4.48
N ALA A 184 -13.23 -15.44 -4.51
CA ALA A 184 -12.47 -16.14 -3.48
C ALA A 184 -12.63 -15.46 -2.13
N LEU A 185 -12.65 -14.13 -2.10
CA LEU A 185 -12.80 -13.42 -0.84
C LEU A 185 -14.20 -13.63 -0.28
N LEU A 186 -15.21 -13.57 -1.15
CA LEU A 186 -16.58 -13.86 -0.72
C LEU A 186 -16.68 -15.25 -0.12
N ASP A 187 -16.03 -16.23 -0.73
CA ASP A 187 -16.05 -17.59 -0.20
C ASP A 187 -15.26 -17.69 1.09
N TYR A 188 -14.07 -17.10 1.13
CA TYR A 188 -13.22 -17.21 2.32
C TYR A 188 -13.89 -16.62 3.55
N THR A 189 -14.51 -15.44 3.40
CA THR A 189 -15.14 -14.80 4.55
C THR A 189 -16.30 -15.63 5.08
N MET A 190 -17.08 -16.23 4.19
CA MET A 190 -18.16 -17.12 4.61
C MET A 190 -17.62 -18.28 5.44
N CYS A 191 -16.65 -19.01 4.90
CA CYS A 191 -16.19 -20.23 5.56
C CYS A 191 -15.55 -19.93 6.91
N ASN A 192 -14.76 -18.86 7.00
CA ASN A 192 -13.94 -18.60 8.18
C ASN A 192 -14.57 -17.62 9.15
N TYR A 193 -15.59 -16.87 8.74
CA TYR A 193 -16.27 -15.92 9.61
C TYR A 193 -17.77 -15.99 9.35
N PRO A 194 -18.36 -17.17 9.51
CA PRO A 194 -19.75 -17.36 9.05
C PRO A 194 -20.74 -16.48 9.78
N GLN A 195 -20.44 -16.06 11.01
CA GLN A 195 -21.38 -15.26 11.79
C GLN A 195 -21.34 -13.78 11.42
N GLN A 196 -20.31 -13.32 10.71
CA GLN A 196 -20.18 -11.91 10.34
C GLN A 196 -20.71 -11.73 8.92
N THR A 197 -22.03 -11.65 8.81
CA THR A 197 -22.67 -11.44 7.51
C THR A 197 -22.13 -10.19 6.82
N GLU A 198 -21.80 -9.16 7.58
CA GLU A 198 -21.44 -7.87 7.01
C GLU A 198 -19.97 -7.77 6.61
N LYS A 199 -19.18 -8.81 6.87
CA LYS A 199 -17.73 -8.66 6.74
C LYS A 199 -17.32 -8.43 5.30
N PHE A 200 -17.83 -9.25 4.37
CA PHE A 200 -17.45 -9.10 2.97
C PHE A 200 -17.76 -7.70 2.48
N GLY A 201 -18.98 -7.23 2.73
CA GLY A 201 -19.36 -5.88 2.32
C GLY A 201 -18.55 -4.80 3.00
N GLN A 202 -18.30 -4.96 4.31
CA GLN A 202 -17.50 -3.97 5.00
C GLN A 202 -16.07 -3.92 4.48
N LEU A 203 -15.54 -5.05 4.02
CA LEU A 203 -14.21 -5.05 3.44
C LEU A 203 -14.20 -4.29 2.12
N LEU A 204 -15.15 -4.59 1.23
CA LEU A 204 -15.17 -3.93 -0.07
C LEU A 204 -15.38 -2.43 0.07
N LEU A 205 -16.23 -2.01 1.01
CA LEU A 205 -16.50 -0.59 1.16
C LEU A 205 -15.31 0.19 1.67
N ARG A 206 -14.28 -0.49 2.18
CA ARG A 206 -13.06 0.22 2.54
C ARG A 206 -12.27 0.62 1.30
N LEU A 207 -12.44 -0.12 0.20
CA LEU A 207 -11.61 0.15 -0.98
C LEU A 207 -11.90 1.52 -1.57
N PRO A 208 -13.16 1.94 -1.76
CA PRO A 208 -13.40 3.33 -2.15
C PRO A 208 -12.83 4.33 -1.16
N GLU A 209 -12.92 4.03 0.14
CA GLU A 209 -12.43 4.97 1.15
C GLU A 209 -10.90 5.07 1.10
N ILE A 210 -10.22 3.94 0.92
CA ILE A 210 -8.77 3.98 0.77
C ILE A 210 -8.40 4.68 -0.53
N ARG A 211 -9.15 4.42 -1.61
CA ARG A 211 -8.93 5.15 -2.85
C ARG A 211 -9.05 6.65 -2.62
N ALA A 212 -10.11 7.07 -1.93
CA ALA A 212 -10.31 8.50 -1.67
C ALA A 212 -9.16 9.07 -0.86
N ILE A 213 -8.78 8.39 0.23
CA ILE A 213 -7.66 8.85 1.03
C ILE A 213 -6.39 8.92 0.17
N SER A 214 -6.17 7.89 -0.64
CA SER A 214 -4.95 7.81 -1.44
C SER A 214 -4.90 8.89 -2.51
N MET A 215 -6.02 9.12 -3.21
CA MET A 215 -6.03 10.15 -4.23
C MET A 215 -5.82 11.53 -3.63
N GLN A 216 -6.47 11.79 -2.49
CA GLN A 216 -6.24 13.06 -1.82
C GLN A 216 -4.81 13.16 -1.30
N ALA A 217 -4.27 12.04 -0.81
CA ALA A 217 -2.86 12.04 -0.42
C ALA A 217 -1.96 12.40 -1.59
N GLU A 218 -2.21 11.83 -2.77
CA GLU A 218 -1.41 12.17 -3.95
C GLU A 218 -1.51 13.65 -4.25
N GLU A 219 -2.73 14.19 -4.23
CA GLU A 219 -2.91 15.60 -4.57
C GLU A 219 -2.16 16.50 -3.60
N TYR A 220 -2.18 16.15 -2.31
CA TYR A 220 -1.43 16.92 -1.33
C TYR A 220 0.07 16.86 -1.60
N LEU A 221 0.58 15.66 -1.87
CA LEU A 221 2.02 15.52 -2.09
C LEU A 221 2.44 16.22 -3.37
N TYR A 222 1.59 16.19 -4.40
CA TYR A 222 1.89 16.92 -5.63
C TYR A 222 1.99 18.42 -5.34
N TYR A 223 1.08 18.92 -4.51
CA TYR A 223 1.18 20.31 -4.05
C TYR A 223 2.50 20.56 -3.34
N LYS A 224 2.87 19.67 -2.40
CA LYS A 224 4.11 19.85 -1.67
C LYS A 224 5.31 19.83 -2.60
N HIS A 225 5.27 18.98 -3.63
CA HIS A 225 6.35 18.96 -4.62
C HIS A 225 6.41 20.29 -5.36
N LEU A 226 5.27 20.75 -5.88
CA LEU A 226 5.24 22.03 -6.59
C LEU A 226 5.67 23.18 -5.69
N ASN A 227 5.46 23.02 -4.37
CA ASN A 227 5.86 24.03 -3.40
C ASN A 227 7.33 23.91 -3.00
N GLY A 228 8.04 22.90 -3.48
CA GLY A 228 9.45 22.77 -3.18
C GLY A 228 9.79 22.03 -1.91
N ASP A 229 8.85 21.27 -1.35
CA ASP A 229 9.03 20.61 -0.07
C ASP A 229 9.44 19.14 -0.20
N VAL A 230 9.63 18.63 -1.41
CA VAL A 230 9.96 17.23 -1.60
C VAL A 230 11.27 17.08 -2.37
N ASN A 234 13.30 11.16 -7.43
CA ASN A 234 13.19 9.77 -6.98
C ASN A 234 11.91 9.11 -7.51
N LEU A 235 11.63 7.89 -7.05
CA LEU A 235 10.49 7.15 -7.56
C LEU A 235 9.18 7.80 -7.15
N LEU A 236 9.12 8.35 -5.95
CA LEU A 236 7.89 9.02 -5.50
C LEU A 236 7.48 10.11 -6.48
N ILE A 237 8.44 10.94 -6.89
CA ILE A 237 8.13 12.05 -7.79
C ILE A 237 7.72 11.52 -9.17
N GLU A 238 8.39 10.47 -9.64
CA GLU A 238 8.02 9.88 -10.93
C GLU A 238 6.57 9.43 -10.92
N MET A 239 6.15 8.73 -9.86
CA MET A 239 4.79 8.22 -9.81
C MET A 239 3.78 9.35 -9.73
N LEU A 240 4.11 10.42 -9.00
CA LEU A 240 3.27 11.60 -8.96
C LEU A 240 3.13 12.20 -10.36
N ASN B 3 7.67 7.31 -17.89
CA ASN B 3 8.21 6.96 -16.59
C ASN B 3 9.32 5.92 -16.77
N ALA B 4 10.48 6.40 -17.22
CA ALA B 4 11.60 5.50 -17.49
C ALA B 4 12.01 4.72 -16.25
N LEU B 5 11.90 5.32 -15.06
CA LEU B 5 12.32 4.64 -13.85
C LEU B 5 11.43 3.43 -13.58
N LEU B 6 10.11 3.60 -13.68
CA LEU B 6 9.20 2.48 -13.43
C LEU B 6 9.43 1.36 -14.46
N ARG B 7 9.62 1.71 -15.73
CA ARG B 7 9.94 0.70 -16.73
C ARG B 7 11.21 -0.05 -16.36
N TYR B 8 12.23 0.67 -15.91
CA TYR B 8 13.50 0.04 -15.56
C TYR B 8 13.33 -0.94 -14.40
N LEU B 9 12.60 -0.53 -13.35
CA LEU B 9 12.38 -1.41 -12.21
C LEU B 9 11.61 -2.67 -12.60
N LEU B 10 10.78 -2.60 -13.64
CA LEU B 10 10.06 -3.78 -14.10
C LEU B 10 10.89 -4.64 -15.05
N ASP B 11 11.87 -4.04 -15.74
CA ASP B 11 12.66 -4.75 -16.75
C ASP B 11 14.02 -5.23 -16.23
N LYS B 12 14.52 -4.69 -15.13
CA LYS B 12 15.90 -4.94 -14.75
C LYS B 12 16.12 -6.37 -14.28
N ASP B 13 17.34 -6.86 -14.49
CA ASP B 13 17.75 -8.21 -14.07
C ASP B 13 18.55 -8.16 -12.77
O01 RJW C . 4.95 5.68 3.80
C02 RJW C . 4.16 6.03 4.92
C03 RJW C . 2.80 5.36 4.78
C04 RJW C . 2.01 6.36 3.95
C05 RJW C . 2.45 7.78 4.37
C06 RJW C . 2.50 8.82 3.20
C07 RJW C . 3.39 10.01 3.14
C08 RJW C . 3.44 10.95 4.17
C09 RJW C . 4.28 12.09 4.13
C10 RJW C . 5.11 12.32 3.03
C11 RJW C . 5.08 11.38 1.98
C12 RJW C . 4.23 10.25 2.04
C13 RJW C . 1.63 8.59 2.18
C14 RJW C . 3.89 7.56 4.89
C15 RJW C . 3.94 8.22 6.28
C16 RJW C . 2.49 8.36 6.72
C17 RJW C . 2.12 8.79 8.14
C18 RJW C . 3.01 9.86 8.85
C19 RJW C . 3.09 11.24 8.11
C20 RJW C . 3.84 12.32 8.91
C21 RJW C . 4.12 13.59 8.12
C22 RJW C . 5.05 14.55 8.87
C23 RJW C . 1.63 8.29 5.60
C24 RJW C . 0.18 8.47 5.53
C25 RJW C . -0.70 7.61 6.19
C26 RJW C . -2.11 7.77 6.13
C27 RJW C . -2.68 8.83 5.39
C28 RJW C . -1.81 9.70 4.72
C29 RJW C . -0.40 9.52 4.79
H011 RJW C . 4.54 6.16 3.09
H021 RJW C . 4.64 5.75 5.86
H031 RJW C . 2.21 5.18 5.69
H032 RJW C . 2.82 4.37 4.27
H042 RJW C . 0.97 6.06 4.07
H041 RJW C . 2.28 6.03 2.91
H081 RJW C . 2.83 10.85 5.05
H091 RJW C . 4.30 12.81 4.94
H101 RJW C . 5.75 13.18 2.98
H111 RJW C . 5.73 11.56 1.12
H121 RJW C . 4.26 9.58 1.20
H131 RJW C . 1.54 9.19 1.30
H132 RJW C . 0.94 7.76 2.11
H141 RJW C . 4.58 8.06 4.19
H151 RJW C . 4.34 9.27 6.29
H152 RJW C . 4.65 7.77 6.98
H172 RJW C . 1.11 9.17 8.20
H171 RJW C . 2.08 7.95 8.85
H181 RJW C . 2.65 10.04 9.85
H182 RJW C . 4.04 9.52 8.89
H192 RJW C . 2.07 11.60 7.88
H191 RJW C . 3.56 11.12 7.13
H202 RJW C . 3.24 12.59 9.78
H201 RJW C . 4.77 11.91 9.30
H212 RJW C . 3.20 14.13 7.89
H211 RJW C . 4.58 13.35 7.16
H223 RJW C . 4.66 14.83 9.85
H221 RJW C . 5.27 15.46 8.33
H222 RJW C . 6.03 14.08 9.08
H251 RJW C . -0.35 6.79 6.77
H261 RJW C . -2.78 7.10 6.66
H271 RJW C . -3.74 8.96 5.34
H281 RJW C . -2.24 10.51 4.15
H291 RJW C . 0.19 10.22 4.25
#